data_1H08
#
_entry.id   1H08
#
_cell.length_a   53.218
_cell.length_b   71.900
_cell.length_c   72.013
_cell.angle_alpha   90.00
_cell.angle_beta   90.00
_cell.angle_gamma   90.00
#
_symmetry.space_group_name_H-M   'P 21 21 21'
#
loop_
_entity.id
_entity.type
_entity.pdbx_description
1 polymer 'CELL DIVISION PROTEIN KINASE 2'
2 non-polymer (2R)-1-{4-[(4-ANILINO-5-BROMOPYRIMIDIN-2-YL)AMINO]PHENOXY}-3-(DIMETHYLAMINO)PROPAN-2-OL
3 non-polymer (2S)-1-{4-[(4-ANILINO-5-BROMOPYRIMIDIN-2-YL)AMINO]PHENOXY}-3-(DIMETHYLAMINO)PROPAN-2-OL
4 non-polymer GLYCEROL
5 water water
#
_entity_poly.entity_id   1
_entity_poly.type   'polypeptide(L)'
_entity_poly.pdbx_seq_one_letter_code
;(ACE)MENFQKVEKIGEGTYGVVYKARNKLTGEVVALKKIRLDTETEGVPSTAIREISLLKELNHPNIVKLLDVIHTENK
LYLVFEFLHQDLKKFMDASALTGIPLPLIKSYLFQLLQGLAFCHSHRVLHRDLKPQNLLINTEGAIKLADFGLARAFGVP
VRTYTHEVVTLWYRAPEILLGCKYYSTAVDIWSLGCIFAEMVTRRALFPGDSEIDQLFRIFRTLGTPDEVVWPGVTSMPD
YKPSFPKWARQDFSKVVPPLDEDGRSLLSQMLHYDPNKRISAKAALAHPFFQDVTKPVPHLRL
;
_entity_poly.pdbx_strand_id   A
#
loop_
_chem_comp.id
_chem_comp.type
_chem_comp.name
_chem_comp.formula
ACE non-polymer 'ACETYL GROUP' 'C2 H4 O'
BWP non-polymer (2S)-1-{4-[(4-ANILINO-5-BROMOPYRIMIDIN-2-YL)AMINO]PHENOXY}-3-(DIMETHYLAMINO)PROPAN-2-OL 'C21 H24 Br N5 O2'
BYP non-polymer (2R)-1-{4-[(4-ANILINO-5-BROMOPYRIMIDIN-2-YL)AMINO]PHENOXY}-3-(DIMETHYLAMINO)PROPAN-2-OL 'C21 H24 Br N5 O2'
GOL non-polymer GLYCEROL 'C3 H8 O3'
#
# COMPACT_ATOMS: atom_id res chain seq x y z
C ACE A 1 3.75 -9.68 27.89
O ACE A 1 2.59 -9.28 28.08
CH3 ACE A 1 4.91 -8.96 28.54
N MET A 2 4.05 -10.73 27.15
CA MET A 2 3.03 -11.52 26.45
C MET A 2 2.04 -12.20 27.37
N GLU A 3 2.38 -12.32 28.65
CA GLU A 3 1.48 -12.96 29.62
C GLU A 3 0.19 -12.17 29.73
N ASN A 4 0.19 -10.96 29.17
CA ASN A 4 -0.98 -10.09 29.22
C ASN A 4 -1.83 -10.21 27.96
N PHE A 5 -1.55 -11.21 27.14
CA PHE A 5 -2.32 -11.39 25.91
C PHE A 5 -2.68 -12.85 25.63
N GLN A 6 -3.89 -13.05 25.12
CA GLN A 6 -4.39 -14.37 24.77
C GLN A 6 -4.69 -14.38 23.28
N LYS A 7 -3.94 -15.20 22.54
CA LYS A 7 -4.11 -15.29 21.10
C LYS A 7 -5.47 -15.87 20.72
N VAL A 8 -6.19 -15.16 19.86
CA VAL A 8 -7.51 -15.60 19.40
C VAL A 8 -7.40 -16.32 18.06
N GLU A 9 -6.60 -15.79 17.16
CA GLU A 9 -6.44 -16.41 15.85
C GLU A 9 -5.35 -15.73 15.03
N LYS A 10 -4.78 -16.49 14.10
CA LYS A 10 -3.74 -15.97 13.21
C LYS A 10 -4.47 -15.30 12.06
N ILE A 11 -4.34 -13.98 11.95
CA ILE A 11 -5.02 -13.24 10.91
C ILE A 11 -4.14 -12.91 9.72
N GLY A 12 -2.88 -13.36 9.79
CA GLY A 12 -1.98 -13.10 8.68
C GLY A 12 -0.52 -13.38 8.95
N GLU A 13 0.21 -13.63 7.87
CA GLU A 13 1.63 -13.91 7.93
C GLU A 13 2.38 -12.75 7.25
N GLY A 14 2.42 -11.60 7.92
CA GLY A 14 3.11 -10.45 7.37
C GLY A 14 4.49 -10.81 6.84
N THR A 15 5.13 -9.87 6.16
CA THR A 15 6.46 -10.12 5.61
C THR A 15 7.47 -10.43 6.71
N TYR A 16 7.45 -9.62 7.77
CA TYR A 16 8.37 -9.82 8.88
C TYR A 16 7.59 -10.09 10.17
N GLY A 17 7.31 -11.35 10.42
CA GLY A 17 6.57 -11.74 11.60
C GLY A 17 5.14 -12.12 11.30
N VAL A 18 4.50 -12.74 12.28
CA VAL A 18 3.11 -13.18 12.16
C VAL A 18 2.20 -12.20 12.92
N VAL A 19 0.95 -12.11 12.47
CA VAL A 19 -0.02 -11.21 13.09
C VAL A 19 -1.19 -12.01 13.67
N TYR A 20 -1.54 -11.71 14.92
CA TYR A 20 -2.63 -12.40 15.60
C TYR A 20 -3.68 -11.45 16.15
N LYS A 21 -4.90 -11.94 16.27
CA LYS A 21 -5.96 -11.18 16.88
C LYS A 21 -5.79 -11.64 18.31
N ALA A 22 -5.80 -10.72 19.27
CA ALA A 22 -5.61 -11.10 20.66
C ALA A 22 -6.37 -10.20 21.64
N ARG A 23 -6.47 -10.65 22.88
CA ARG A 23 -7.17 -9.88 23.91
C ARG A 23 -6.25 -9.64 25.11
N ASN A 24 -6.29 -8.41 25.63
CA ASN A 24 -5.48 -8.05 26.79
C ASN A 24 -6.10 -8.68 28.04
N LYS A 25 -5.43 -9.67 28.60
CA LYS A 25 -5.93 -10.37 29.79
C LYS A 25 -6.38 -9.45 30.93
N LEU A 26 -5.83 -8.25 30.98
CA LEU A 26 -6.18 -7.30 32.04
C LEU A 26 -7.30 -6.34 31.65
N THR A 27 -7.09 -5.57 30.59
CA THR A 27 -8.09 -4.61 30.14
C THR A 27 -9.21 -5.23 29.31
N GLY A 28 -8.99 -6.44 28.81
CA GLY A 28 -9.99 -7.11 28.01
C GLY A 28 -10.02 -6.57 26.58
N GLU A 29 -9.19 -5.56 26.34
CA GLU A 29 -9.09 -4.92 25.03
C GLU A 29 -8.67 -5.90 23.93
N VAL A 30 -9.34 -5.81 22.79
CA VAL A 30 -9.04 -6.66 21.64
C VAL A 30 -8.09 -5.89 20.74
N VAL A 31 -7.00 -6.55 20.34
CA VAL A 31 -5.99 -5.91 19.52
C VAL A 31 -5.40 -6.87 18.49
N ALA A 32 -4.51 -6.33 17.66
CA ALA A 32 -3.80 -7.10 16.66
C ALA A 32 -2.38 -7.14 17.19
N LEU A 33 -1.87 -8.35 17.40
CA LEU A 33 -0.52 -8.52 17.93
C LEU A 33 0.42 -9.05 16.87
N LYS A 34 1.48 -8.31 16.58
CA LYS A 34 2.45 -8.74 15.57
C LYS A 34 3.79 -9.10 16.22
N LYS A 35 4.21 -10.34 16.01
CA LYS A 35 5.46 -10.84 16.53
C LYS A 35 6.51 -10.78 15.44
N ILE A 36 7.48 -9.90 15.59
CA ILE A 36 8.54 -9.73 14.59
C ILE A 36 9.55 -10.89 14.65
N VAL A 45 17.93 -8.17 18.23
CA VAL A 45 17.19 -7.03 17.70
C VAL A 45 18.01 -5.76 17.75
N PRO A 46 18.40 -5.23 16.57
CA PRO A 46 19.20 -4.00 16.48
C PRO A 46 18.57 -2.84 17.27
N SER A 47 19.41 -2.09 17.96
CA SER A 47 18.93 -0.96 18.74
C SER A 47 18.31 0.09 17.82
N THR A 48 18.82 0.17 16.59
CA THR A 48 18.32 1.12 15.61
C THR A 48 16.86 0.81 15.31
N ALA A 49 16.53 -0.48 15.26
CA ALA A 49 15.17 -0.92 14.98
C ALA A 49 14.23 -0.42 16.07
N ILE A 50 14.64 -0.63 17.32
CA ILE A 50 13.85 -0.21 18.46
C ILE A 50 13.54 1.29 18.40
N ARG A 51 14.57 2.09 18.10
CA ARG A 51 14.39 3.54 18.02
C ARG A 51 13.49 3.96 16.88
N GLU A 52 13.63 3.30 15.74
CA GLU A 52 12.81 3.63 14.57
C GLU A 52 11.35 3.28 14.85
N ILE A 53 11.12 2.14 15.46
CA ILE A 53 9.78 1.70 15.80
C ILE A 53 9.15 2.70 16.77
N SER A 54 9.96 3.18 17.71
CA SER A 54 9.50 4.14 18.72
C SER A 54 8.99 5.43 18.13
N LEU A 55 9.59 5.87 17.02
CA LEU A 55 9.16 7.09 16.37
C LEU A 55 7.78 6.86 15.76
N LEU A 56 7.59 5.66 15.21
CA LEU A 56 6.34 5.30 14.59
C LEU A 56 5.17 5.35 15.57
N LYS A 57 5.48 5.37 16.86
CA LYS A 57 4.46 5.41 17.88
C LYS A 57 3.83 6.80 17.98
N GLU A 58 4.58 7.83 17.58
CA GLU A 58 4.08 9.20 17.63
C GLU A 58 3.47 9.61 16.29
N LEU A 59 3.52 8.71 15.31
CA LEU A 59 2.96 8.97 13.98
C LEU A 59 1.49 8.60 13.95
N ASN A 60 0.65 9.42 14.59
CA ASN A 60 -0.77 9.14 14.67
C ASN A 60 -1.65 9.93 13.69
N HIS A 61 -2.57 9.23 13.06
CA HIS A 61 -3.48 9.82 12.08
C HIS A 61 -4.68 8.87 11.92
N PRO A 62 -5.88 9.42 11.69
CA PRO A 62 -7.08 8.59 11.53
C PRO A 62 -7.02 7.53 10.43
N ASN A 63 -6.10 7.68 9.48
CA ASN A 63 -5.98 6.72 8.40
C ASN A 63 -4.75 5.85 8.48
N ILE A 64 -4.16 5.78 9.68
CA ILE A 64 -2.99 4.96 9.94
C ILE A 64 -3.36 4.09 11.14
N VAL A 65 -3.17 2.77 11.03
CA VAL A 65 -3.51 1.89 12.14
C VAL A 65 -2.67 2.30 13.35
N LYS A 66 -3.35 2.67 14.43
CA LYS A 66 -2.66 3.11 15.64
C LYS A 66 -1.76 2.03 16.25
N LEU A 67 -0.51 2.38 16.48
CA LEU A 67 0.41 1.46 17.13
C LEU A 67 0.28 1.77 18.62
N LEU A 68 -0.33 0.86 19.36
CA LEU A 68 -0.58 1.07 20.79
C LEU A 68 0.65 0.93 21.69
N ASP A 69 1.41 -0.14 21.49
CA ASP A 69 2.60 -0.37 22.30
C ASP A 69 3.62 -1.26 21.60
N VAL A 70 4.85 -1.20 22.09
CA VAL A 70 5.95 -2.00 21.56
C VAL A 70 6.52 -2.78 22.74
N ILE A 71 6.51 -4.10 22.64
CA ILE A 71 7.01 -4.94 23.71
C ILE A 71 8.28 -5.68 23.30
N HIS A 72 9.38 -5.33 23.95
CA HIS A 72 10.67 -5.97 23.67
C HIS A 72 11.12 -6.83 24.84
N THR A 73 10.90 -8.14 24.73
CA THR A 73 11.27 -9.05 25.80
C THR A 73 11.97 -10.30 25.26
N GLU A 74 13.06 -10.69 25.91
CA GLU A 74 13.80 -11.86 25.49
C GLU A 74 14.27 -11.73 24.05
N ASN A 75 14.94 -10.63 23.75
CA ASN A 75 15.45 -10.40 22.41
C ASN A 75 14.33 -10.52 21.38
N LYS A 76 13.09 -10.51 21.86
CA LYS A 76 11.93 -10.63 20.98
C LYS A 76 11.19 -9.30 20.86
N LEU A 77 10.55 -9.06 19.72
CA LEU A 77 9.84 -7.81 19.52
C LEU A 77 8.38 -8.01 19.16
N TYR A 78 7.47 -7.41 19.91
CA TYR A 78 6.05 -7.51 19.64
C TYR A 78 5.45 -6.13 19.46
N LEU A 79 4.59 -6.00 18.45
CA LEU A 79 3.95 -4.73 18.18
C LEU A 79 2.46 -4.89 18.45
N VAL A 80 1.91 -4.00 19.27
CA VAL A 80 0.48 -4.06 19.61
C VAL A 80 -0.22 -2.96 18.83
N PHE A 81 -1.18 -3.36 18.00
CA PHE A 81 -1.93 -2.42 17.17
C PHE A 81 -3.40 -2.44 17.49
N GLU A 82 -4.09 -1.34 17.14
CA GLU A 82 -5.52 -1.29 17.33
C GLU A 82 -6.01 -2.34 16.34
N PHE A 83 -7.13 -2.97 16.66
CA PHE A 83 -7.68 -4.01 15.79
C PHE A 83 -8.74 -3.50 14.83
N LEU A 84 -8.57 -3.78 13.54
CA LEU A 84 -9.58 -3.37 12.58
C LEU A 84 -10.37 -4.61 12.17
N HIS A 85 -11.57 -4.37 11.69
CA HIS A 85 -12.51 -5.43 11.33
C HIS A 85 -12.16 -6.37 10.17
N GLN A 86 -11.55 -5.85 9.11
CA GLN A 86 -11.24 -6.68 7.94
C GLN A 86 -10.19 -6.02 7.06
N ASP A 87 -9.51 -6.80 6.22
CA ASP A 87 -8.51 -6.21 5.33
C ASP A 87 -9.14 -6.00 3.95
N LEU A 88 -8.56 -5.10 3.16
CA LEU A 88 -9.08 -4.79 1.83
C LEU A 88 -9.10 -5.97 0.86
N LYS A 89 -8.13 -6.87 0.99
CA LYS A 89 -8.08 -8.02 0.09
C LYS A 89 -9.34 -8.87 0.26
N LYS A 90 -9.70 -9.16 1.51
CA LYS A 90 -10.89 -9.96 1.77
C LYS A 90 -12.14 -9.25 1.27
N PHE A 91 -12.19 -7.93 1.46
CA PHE A 91 -13.34 -7.15 1.03
C PHE A 91 -13.44 -7.18 -0.49
N MET A 92 -12.30 -7.06 -1.17
CA MET A 92 -12.30 -7.10 -2.63
C MET A 92 -12.78 -8.46 -3.15
N ASP A 93 -12.28 -9.53 -2.54
CA ASP A 93 -12.70 -10.87 -2.95
C ASP A 93 -14.20 -11.01 -2.72
N ALA A 94 -14.69 -10.49 -1.60
CA ALA A 94 -16.11 -10.56 -1.28
C ALA A 94 -16.97 -9.69 -2.19
N SER A 95 -16.35 -8.74 -2.87
CA SER A 95 -17.07 -7.83 -3.75
C SER A 95 -16.81 -8.14 -5.24
N ALA A 96 -16.06 -9.21 -5.50
CA ALA A 96 -15.70 -9.58 -6.87
C ALA A 96 -16.86 -9.75 -7.85
N LEU A 97 -17.96 -10.30 -7.37
CA LEU A 97 -19.11 -10.53 -8.24
C LEU A 97 -19.79 -9.25 -8.71
N THR A 98 -19.89 -8.28 -7.82
CA THR A 98 -20.56 -7.02 -8.16
C THR A 98 -19.63 -5.82 -8.24
N GLY A 99 -18.46 -5.93 -7.61
CA GLY A 99 -17.51 -4.83 -7.62
C GLY A 99 -17.82 -3.81 -6.54
N ILE A 100 -16.78 -3.21 -5.97
CA ILE A 100 -16.96 -2.20 -4.94
C ILE A 100 -17.53 -0.95 -5.61
N PRO A 101 -18.60 -0.38 -5.03
CA PRO A 101 -19.24 0.83 -5.57
C PRO A 101 -18.21 1.95 -5.76
N LEU A 102 -18.24 2.59 -6.94
CA LEU A 102 -17.30 3.67 -7.22
C LEU A 102 -17.21 4.68 -6.08
N PRO A 103 -18.35 5.10 -5.51
CA PRO A 103 -18.30 6.07 -4.41
C PRO A 103 -17.45 5.59 -3.23
N LEU A 104 -17.46 4.28 -2.98
CA LEU A 104 -16.68 3.72 -1.89
C LEU A 104 -15.22 3.63 -2.30
N ILE A 105 -14.97 3.30 -3.56
CA ILE A 105 -13.60 3.21 -4.05
C ILE A 105 -12.96 4.60 -3.93
N LYS A 106 -13.71 5.64 -4.31
CA LYS A 106 -13.22 7.00 -4.25
C LYS A 106 -12.98 7.44 -2.81
N SER A 107 -13.87 7.06 -1.90
CA SER A 107 -13.71 7.41 -0.50
C SER A 107 -12.45 6.75 0.05
N TYR A 108 -12.27 5.47 -0.27
CA TYR A 108 -11.09 4.74 0.19
C TYR A 108 -9.80 5.33 -0.36
N LEU A 109 -9.79 5.65 -1.65
CA LEU A 109 -8.60 6.25 -2.26
C LEU A 109 -8.27 7.61 -1.60
N PHE A 110 -9.31 8.39 -1.38
CA PHE A 110 -9.19 9.72 -0.77
C PHE A 110 -8.60 9.62 0.64
N GLN A 111 -9.10 8.67 1.43
CA GLN A 111 -8.60 8.49 2.80
C GLN A 111 -7.16 7.99 2.82
N LEU A 112 -6.84 7.07 1.91
CA LEU A 112 -5.47 6.55 1.86
C LEU A 112 -4.50 7.64 1.43
N LEU A 113 -4.94 8.52 0.52
CA LEU A 113 -4.08 9.62 0.10
C LEU A 113 -3.87 10.58 1.27
N GLN A 114 -4.88 10.71 2.11
CA GLN A 114 -4.75 11.56 3.30
C GLN A 114 -3.73 10.95 4.23
N GLY A 115 -3.81 9.63 4.42
CA GLY A 115 -2.87 8.94 5.28
C GLY A 115 -1.45 9.08 4.75
N LEU A 116 -1.27 8.86 3.45
CA LEU A 116 0.06 8.98 2.86
C LEU A 116 0.59 10.41 2.95
N ALA A 117 -0.27 11.39 2.71
CA ALA A 117 0.16 12.79 2.79
C ALA A 117 0.74 13.05 4.17
N PHE A 118 0.05 12.56 5.20
CA PHE A 118 0.52 12.74 6.58
C PHE A 118 1.90 12.07 6.77
N CYS A 119 1.99 10.78 6.47
CA CYS A 119 3.26 10.07 6.63
C CYS A 119 4.37 10.72 5.84
N HIS A 120 4.08 11.05 4.58
CA HIS A 120 5.07 11.67 3.71
C HIS A 120 5.51 13.05 4.19
N SER A 121 4.61 13.78 4.85
CA SER A 121 4.96 15.11 5.35
C SER A 121 5.97 14.95 6.49
N HIS A 122 6.00 13.76 7.08
CA HIS A 122 6.93 13.48 8.17
C HIS A 122 8.10 12.64 7.69
N ARG A 123 8.31 12.62 6.38
CA ARG A 123 9.41 11.87 5.76
C ARG A 123 9.39 10.38 6.08
N VAL A 124 8.19 9.83 6.26
CA VAL A 124 8.06 8.40 6.52
C VAL A 124 7.31 7.79 5.35
N LEU A 125 7.82 6.70 4.80
CA LEU A 125 7.10 6.07 3.71
C LEU A 125 6.78 4.63 4.10
N HIS A 126 5.86 4.02 3.36
CA HIS A 126 5.47 2.65 3.65
C HIS A 126 6.41 1.66 2.98
N ARG A 127 6.54 1.76 1.67
CA ARG A 127 7.42 0.87 0.91
C ARG A 127 6.78 -0.43 0.43
N ASP A 128 5.73 -0.88 1.12
CA ASP A 128 5.12 -2.13 0.73
C ASP A 128 3.59 -2.16 0.80
N LEU A 129 2.95 -1.14 0.22
CA LEU A 129 1.50 -1.09 0.24
C LEU A 129 0.88 -2.20 -0.60
N LYS A 130 -0.17 -2.83 -0.07
CA LYS A 130 -0.88 -3.88 -0.77
C LYS A 130 -2.23 -4.08 -0.10
N PRO A 131 -3.20 -4.68 -0.83
CA PRO A 131 -4.54 -4.90 -0.28
C PRO A 131 -4.53 -5.55 1.09
N GLN A 132 -3.56 -6.42 1.32
CA GLN A 132 -3.45 -7.13 2.60
C GLN A 132 -3.11 -6.27 3.80
N ASN A 133 -2.50 -5.10 3.59
CA ASN A 133 -2.21 -4.25 4.73
C ASN A 133 -3.02 -2.96 4.75
N LEU A 134 -4.13 -2.96 4.02
CA LEU A 134 -5.06 -1.83 4.01
C LEU A 134 -6.23 -2.40 4.79
N LEU A 135 -6.56 -1.79 5.92
CA LEU A 135 -7.62 -2.29 6.78
C LEU A 135 -8.87 -1.40 6.86
N ILE A 136 -10.03 -2.03 6.90
CA ILE A 136 -11.27 -1.28 6.93
C ILE A 136 -12.16 -1.61 8.14
N ASN A 137 -13.11 -0.72 8.42
CA ASN A 137 -14.04 -0.95 9.51
C ASN A 137 -15.47 -0.67 9.03
N THR A 138 -16.42 -0.97 9.90
CA THR A 138 -17.83 -0.80 9.60
C THR A 138 -18.26 0.64 9.38
N GLU A 139 -17.47 1.60 9.88
CA GLU A 139 -17.79 3.02 9.77
C GLU A 139 -17.44 3.65 8.41
N GLY A 140 -16.76 2.90 7.56
CA GLY A 140 -16.40 3.43 6.26
C GLY A 140 -14.97 3.93 6.18
N ALA A 141 -14.22 3.75 7.26
CA ALA A 141 -12.83 4.19 7.27
C ALA A 141 -11.92 3.09 6.72
N ILE A 142 -10.76 3.51 6.22
CA ILE A 142 -9.78 2.54 5.73
C ILE A 142 -8.47 3.08 6.26
N LYS A 143 -7.59 2.18 6.72
CA LYS A 143 -6.32 2.61 7.28
C LYS A 143 -5.11 1.82 6.79
N LEU A 144 -3.97 2.50 6.77
CA LEU A 144 -2.69 1.94 6.36
C LEU A 144 -2.05 1.22 7.55
N ALA A 145 -1.59 0.00 7.34
CA ALA A 145 -0.96 -0.78 8.41
C ALA A 145 0.48 -1.15 8.00
N ASP A 146 1.31 -1.47 8.99
CA ASP A 146 2.71 -1.84 8.74
C ASP A 146 3.50 -0.66 8.18
N PHE A 147 3.01 0.54 8.45
CA PHE A 147 3.66 1.74 7.96
C PHE A 147 5.01 1.96 8.62
N GLY A 148 6.01 2.28 7.80
CA GLY A 148 7.35 2.54 8.31
C GLY A 148 8.15 1.36 8.82
N LEU A 149 7.54 0.18 8.86
CA LEU A 149 8.26 -1.00 9.35
C LEU A 149 9.38 -1.45 8.43
N ALA A 150 9.16 -1.38 7.12
CA ALA A 150 10.19 -1.79 6.16
C ALA A 150 11.53 -1.10 6.41
N ARG A 151 11.48 0.19 6.76
CA ARG A 151 12.70 0.94 7.02
C ARG A 151 13.29 0.55 8.38
N ALA A 152 12.48 -0.09 9.22
CA ALA A 152 12.93 -0.50 10.54
C ALA A 152 13.67 -1.83 10.48
N PHE A 153 13.02 -2.85 9.91
CA PHE A 153 13.61 -4.17 9.79
C PHE A 153 14.28 -4.36 8.44
N GLY A 154 13.48 -4.46 7.38
CA GLY A 154 14.03 -4.64 6.05
C GLY A 154 13.07 -5.38 5.15
N HIS A 162 7.25 -18.95 4.72
CA HIS A 162 7.92 -19.03 3.43
C HIS A 162 7.04 -18.51 2.30
N GLU A 163 5.95 -17.84 2.67
CA GLU A 163 5.05 -17.28 1.67
C GLU A 163 5.82 -16.32 0.78
N VAL A 164 5.51 -16.32 -0.51
CA VAL A 164 6.19 -15.44 -1.46
C VAL A 164 5.73 -14.01 -1.27
N VAL A 165 6.69 -13.07 -1.31
CA VAL A 165 6.34 -11.66 -1.16
C VAL A 165 5.85 -11.15 -2.52
N THR A 166 4.65 -10.56 -2.52
CA THR A 166 4.06 -10.06 -3.75
C THR A 166 4.81 -8.84 -4.31
N LEU A 167 5.04 -8.85 -5.62
CA LEU A 167 5.75 -7.78 -6.30
C LEU A 167 4.78 -6.93 -7.12
N TRP A 168 3.50 -7.31 -7.11
CA TRP A 168 2.48 -6.65 -7.89
C TRP A 168 2.35 -5.14 -7.75
N TYR A 169 2.70 -4.61 -6.58
CA TYR A 169 2.55 -3.19 -6.31
C TYR A 169 3.85 -2.42 -6.20
N ARG A 170 4.95 -3.05 -6.62
CA ARG A 170 6.27 -2.42 -6.55
C ARG A 170 6.51 -1.41 -7.67
N ALA A 171 6.96 -0.21 -7.30
CA ALA A 171 7.25 0.86 -8.26
C ALA A 171 8.42 0.45 -9.17
N PRO A 172 8.41 0.91 -10.42
CA PRO A 172 9.49 0.55 -11.35
C PRO A 172 10.90 0.96 -10.89
N GLU A 173 11.03 2.09 -10.22
CA GLU A 173 12.36 2.51 -9.77
C GLU A 173 12.97 1.51 -8.79
N ILE A 174 12.14 0.85 -8.00
CA ILE A 174 12.64 -0.13 -7.04
C ILE A 174 13.12 -1.34 -7.83
N LEU A 175 12.31 -1.73 -8.81
CA LEU A 175 12.60 -2.86 -9.66
C LEU A 175 13.85 -2.64 -10.52
N LEU A 176 14.11 -1.39 -10.86
CA LEU A 176 15.28 -1.06 -11.68
C LEU A 176 16.55 -0.82 -10.85
N GLY A 177 16.48 -1.10 -9.56
CA GLY A 177 17.64 -0.96 -8.70
C GLY A 177 17.92 0.35 -7.99
N CYS A 178 16.97 1.28 -7.98
CA CYS A 178 17.22 2.54 -7.28
C CYS A 178 17.41 2.19 -5.80
N LYS A 179 18.48 2.70 -5.21
CA LYS A 179 18.75 2.40 -3.81
C LYS A 179 18.05 3.37 -2.85
N TYR A 180 17.87 4.61 -3.28
CA TYR A 180 17.24 5.62 -2.45
C TYR A 180 15.90 6.10 -3.02
N TYR A 181 14.90 5.24 -3.03
CA TYR A 181 13.62 5.65 -3.56
C TYR A 181 12.92 6.64 -2.64
N SER A 182 11.88 7.29 -3.17
CA SER A 182 11.15 8.32 -2.44
C SER A 182 9.71 7.96 -2.12
N THR A 183 9.01 8.95 -1.59
CA THR A 183 7.62 8.81 -1.23
C THR A 183 6.80 8.40 -2.45
N ALA A 184 7.33 8.67 -3.64
CA ALA A 184 6.65 8.32 -4.88
C ALA A 184 6.37 6.81 -5.00
N VAL A 185 7.16 5.98 -4.32
CA VAL A 185 6.89 4.54 -4.44
C VAL A 185 5.53 4.17 -3.86
N ASP A 186 5.08 4.91 -2.85
CA ASP A 186 3.79 4.63 -2.22
C ASP A 186 2.62 5.04 -3.12
N ILE A 187 2.80 6.14 -3.84
CA ILE A 187 1.79 6.63 -4.76
C ILE A 187 1.59 5.60 -5.88
N TRP A 188 2.70 5.03 -6.35
CA TRP A 188 2.64 4.00 -7.39
C TRP A 188 1.82 2.82 -6.88
N SER A 189 2.19 2.30 -5.72
CA SER A 189 1.47 1.16 -5.15
C SER A 189 -0.02 1.47 -4.98
N LEU A 190 -0.35 2.66 -4.50
CA LEU A 190 -1.75 3.01 -4.29
C LEU A 190 -2.48 3.10 -5.63
N GLY A 191 -1.78 3.56 -6.67
CA GLY A 191 -2.37 3.63 -7.98
C GLY A 191 -2.72 2.24 -8.48
N CYS A 192 -1.83 1.28 -8.25
CA CYS A 192 -2.08 -0.10 -8.69
C CYS A 192 -3.27 -0.67 -7.95
N ILE A 193 -3.40 -0.33 -6.67
CA ILE A 193 -4.53 -0.82 -5.87
C ILE A 193 -5.84 -0.21 -6.33
N PHE A 194 -5.78 1.09 -6.64
CA PHE A 194 -6.92 1.85 -7.13
C PHE A 194 -7.46 1.16 -8.40
N ALA A 195 -6.57 0.88 -9.34
CA ALA A 195 -6.96 0.20 -10.59
C ALA A 195 -7.62 -1.15 -10.30
N GLU A 196 -7.02 -1.91 -9.38
CA GLU A 196 -7.52 -3.23 -9.03
C GLU A 196 -8.93 -3.17 -8.43
N MET A 197 -9.19 -2.19 -7.58
CA MET A 197 -10.52 -2.05 -6.99
C MET A 197 -11.55 -1.82 -8.10
N VAL A 198 -11.17 -1.00 -9.07
CA VAL A 198 -12.04 -0.64 -10.18
C VAL A 198 -12.31 -1.77 -11.17
N THR A 199 -11.26 -2.46 -11.61
CA THR A 199 -11.40 -3.54 -12.58
C THR A 199 -11.62 -4.93 -12.02
N ARG A 200 -11.33 -5.10 -10.73
CA ARG A 200 -11.49 -6.38 -10.06
C ARG A 200 -10.49 -7.42 -10.55
N ARG A 201 -9.31 -6.92 -10.89
CA ARG A 201 -8.22 -7.77 -11.36
C ARG A 201 -6.92 -7.02 -11.11
N ALA A 202 -5.89 -7.72 -10.65
CA ALA A 202 -4.62 -7.06 -10.38
C ALA A 202 -4.11 -6.40 -11.66
N LEU A 203 -3.56 -5.21 -11.53
CA LEU A 203 -3.05 -4.48 -12.68
C LEU A 203 -1.76 -5.10 -13.26
N PHE A 204 -0.77 -5.35 -12.40
CA PHE A 204 0.52 -5.94 -12.81
C PHE A 204 0.86 -7.15 -11.93
N PRO A 205 0.20 -8.28 -12.18
CA PRO A 205 0.46 -9.49 -11.38
C PRO A 205 1.71 -10.27 -11.76
N GLY A 206 2.88 -9.68 -11.55
CA GLY A 206 4.13 -10.36 -11.88
C GLY A 206 4.46 -11.48 -10.90
N ASP A 207 5.13 -12.52 -11.38
CA ASP A 207 5.49 -13.62 -10.49
C ASP A 207 7.00 -13.73 -10.30
N SER A 208 7.72 -12.71 -10.77
CA SER A 208 9.16 -12.60 -10.64
C SER A 208 9.47 -11.13 -10.91
N GLU A 209 10.67 -10.67 -10.56
CA GLU A 209 11.00 -9.28 -10.79
C GLU A 209 10.98 -8.87 -12.24
N ILE A 210 11.55 -9.69 -13.12
CA ILE A 210 11.59 -9.34 -14.53
C ILE A 210 10.20 -9.43 -15.14
N ASP A 211 9.38 -10.37 -14.67
CA ASP A 211 8.03 -10.51 -15.18
C ASP A 211 7.20 -9.31 -14.71
N GLN A 212 7.48 -8.84 -13.49
CA GLN A 212 6.77 -7.68 -12.95
C GLN A 212 7.15 -6.47 -13.80
N LEU A 213 8.44 -6.29 -14.01
CA LEU A 213 8.93 -5.18 -14.79
C LEU A 213 8.35 -5.20 -16.22
N PHE A 214 8.44 -6.35 -16.89
CA PHE A 214 7.92 -6.43 -18.26
C PHE A 214 6.40 -6.26 -18.36
N ARG A 215 5.67 -6.69 -17.33
CA ARG A 215 4.22 -6.52 -17.34
C ARG A 215 3.92 -5.01 -17.30
N ILE A 216 4.71 -4.27 -16.52
CA ILE A 216 4.54 -2.81 -16.44
C ILE A 216 4.87 -2.24 -17.83
N PHE A 217 6.01 -2.64 -18.39
CA PHE A 217 6.42 -2.15 -19.70
C PHE A 217 5.38 -2.42 -20.78
N ARG A 218 4.80 -3.61 -20.78
CA ARG A 218 3.81 -3.98 -21.78
C ARG A 218 2.56 -3.10 -21.74
N THR A 219 2.24 -2.56 -20.56
CA THR A 219 1.06 -1.73 -20.39
C THR A 219 1.35 -0.24 -20.54
N LEU A 220 2.37 0.24 -19.85
CA LEU A 220 2.70 1.66 -19.88
C LEU A 220 3.76 2.02 -20.92
N GLY A 221 4.24 1.01 -21.64
CA GLY A 221 5.28 1.24 -22.64
C GLY A 221 6.65 1.16 -22.01
N THR A 222 7.62 0.63 -22.74
CA THR A 222 8.97 0.54 -22.20
C THR A 222 9.48 1.96 -21.98
N PRO A 223 9.96 2.26 -20.77
CA PRO A 223 10.46 3.61 -20.51
C PRO A 223 11.77 3.92 -21.21
N ASP A 224 11.92 5.18 -21.62
CA ASP A 224 13.13 5.65 -22.27
C ASP A 224 13.48 7.02 -21.68
N GLU A 225 14.56 7.62 -22.19
CA GLU A 225 14.98 8.92 -21.69
C GLU A 225 13.98 10.04 -21.91
N VAL A 226 13.08 9.87 -22.87
CA VAL A 226 12.08 10.89 -23.15
C VAL A 226 11.07 11.05 -22.02
N VAL A 227 10.48 9.94 -21.57
CA VAL A 227 9.50 9.99 -20.49
C VAL A 227 10.13 9.87 -19.10
N TRP A 228 11.35 9.35 -19.04
CA TRP A 228 12.02 9.17 -17.75
C TRP A 228 13.51 9.47 -17.86
N PRO A 229 13.89 10.76 -17.79
CA PRO A 229 15.30 11.13 -17.89
C PRO A 229 16.13 10.39 -16.85
N GLY A 230 17.23 9.78 -17.29
CA GLY A 230 18.10 9.07 -16.38
C GLY A 230 17.80 7.59 -16.21
N VAL A 231 16.67 7.13 -16.73
CA VAL A 231 16.28 5.72 -16.60
C VAL A 231 17.29 4.74 -17.19
N THR A 232 17.87 5.06 -18.34
CA THR A 232 18.80 4.15 -18.99
C THR A 232 20.10 4.00 -18.20
N SER A 233 20.28 4.80 -17.15
CA SER A 233 21.48 4.71 -16.33
C SER A 233 21.18 4.06 -14.99
N MET A 234 19.97 3.53 -14.83
CA MET A 234 19.58 2.87 -13.59
C MET A 234 20.36 1.57 -13.45
N PRO A 235 20.68 1.17 -12.22
CA PRO A 235 21.43 -0.05 -11.91
C PRO A 235 21.04 -1.31 -12.66
N ASP A 236 19.74 -1.61 -12.73
CA ASP A 236 19.30 -2.81 -13.41
C ASP A 236 18.67 -2.60 -14.78
N TYR A 237 18.87 -1.42 -15.35
CA TYR A 237 18.32 -1.15 -16.67
C TYR A 237 19.19 -1.84 -17.71
N LYS A 238 18.56 -2.47 -18.70
CA LYS A 238 19.29 -3.16 -19.76
C LYS A 238 18.89 -2.60 -21.12
N PRO A 239 19.88 -2.21 -21.95
CA PRO A 239 19.58 -1.68 -23.28
C PRO A 239 18.84 -2.73 -24.08
N SER A 240 18.98 -3.98 -23.66
CA SER A 240 18.34 -5.10 -24.34
C SER A 240 16.88 -5.32 -23.95
N PHE A 241 16.34 -4.49 -23.05
CA PHE A 241 14.93 -4.63 -22.67
C PHE A 241 14.08 -4.53 -23.93
N PRO A 242 13.03 -5.36 -24.03
CA PRO A 242 12.19 -5.26 -25.22
C PRO A 242 11.52 -3.88 -25.20
N LYS A 243 11.18 -3.37 -26.38
CA LYS A 243 10.53 -2.06 -26.47
C LYS A 243 9.05 -2.18 -26.84
N TRP A 244 8.20 -2.12 -25.83
CA TRP A 244 6.75 -2.21 -26.04
C TRP A 244 6.16 -0.82 -26.11
N ALA A 245 5.07 -0.69 -26.86
CA ALA A 245 4.37 0.58 -27.01
C ALA A 245 3.41 0.75 -25.85
N ARG A 246 3.08 2.00 -25.52
CA ARG A 246 2.16 2.28 -24.42
C ARG A 246 0.70 2.02 -24.84
N GLN A 247 -0.12 1.57 -23.89
CA GLN A 247 -1.52 1.29 -24.14
C GLN A 247 -2.40 2.42 -23.60
N ASP A 248 -3.57 2.63 -24.20
CA ASP A 248 -4.48 3.68 -23.75
C ASP A 248 -5.11 3.28 -22.43
N PHE A 249 -5.22 4.24 -21.51
CA PHE A 249 -5.82 3.95 -20.21
C PHE A 249 -7.29 3.54 -20.32
N SER A 250 -7.94 3.93 -21.42
CA SER A 250 -9.33 3.57 -21.61
C SER A 250 -9.42 2.05 -21.72
N LYS A 251 -8.30 1.43 -22.09
CA LYS A 251 -8.22 -0.01 -22.23
C LYS A 251 -7.74 -0.66 -20.94
N VAL A 252 -6.91 0.06 -20.19
CA VAL A 252 -6.37 -0.46 -18.94
C VAL A 252 -7.42 -0.49 -17.83
N VAL A 253 -8.17 0.59 -17.70
CA VAL A 253 -9.21 0.69 -16.68
C VAL A 253 -10.48 1.28 -17.29
N PRO A 254 -11.18 0.50 -18.13
CA PRO A 254 -12.41 0.91 -18.80
C PRO A 254 -13.50 1.52 -17.92
N PRO A 255 -13.84 0.86 -16.80
CA PRO A 255 -14.87 1.36 -15.89
C PRO A 255 -14.64 2.77 -15.34
N LEU A 256 -13.37 3.12 -15.14
CA LEU A 256 -13.04 4.41 -14.57
C LEU A 256 -13.33 5.59 -15.50
N ASP A 257 -14.02 6.60 -14.98
CA ASP A 257 -14.34 7.78 -15.77
C ASP A 257 -13.06 8.54 -16.07
N GLU A 258 -13.13 9.52 -16.97
CA GLU A 258 -11.93 10.27 -17.36
C GLU A 258 -11.20 10.96 -16.22
N ASP A 259 -11.93 11.48 -15.23
CA ASP A 259 -11.29 12.13 -14.08
C ASP A 259 -10.44 11.08 -13.35
N GLY A 260 -11.04 9.93 -13.11
CA GLY A 260 -10.31 8.85 -12.43
C GLY A 260 -9.10 8.40 -13.24
N ARG A 261 -9.27 8.27 -14.55
CA ARG A 261 -8.16 7.83 -15.40
C ARG A 261 -7.04 8.85 -15.42
N SER A 262 -7.40 10.13 -15.40
CA SER A 262 -6.41 11.19 -15.40
C SER A 262 -5.59 11.08 -14.11
N LEU A 263 -6.26 10.93 -12.98
CA LEU A 263 -5.57 10.80 -11.70
C LEU A 263 -4.70 9.56 -11.70
N LEU A 264 -5.26 8.43 -12.12
CA LEU A 264 -4.48 7.20 -12.14
C LEU A 264 -3.20 7.35 -12.98
N SER A 265 -3.33 7.99 -14.14
CA SER A 265 -2.15 8.15 -14.99
C SER A 265 -1.06 8.96 -14.31
N GLN A 266 -1.44 9.94 -13.49
CA GLN A 266 -0.43 10.74 -12.80
C GLN A 266 0.17 9.98 -11.62
N MET A 267 -0.55 8.98 -11.12
CA MET A 267 -0.05 8.17 -10.01
C MET A 267 0.87 7.10 -10.57
N LEU A 268 0.74 6.81 -11.86
CA LEU A 268 1.58 5.79 -12.49
C LEU A 268 2.64 6.37 -13.44
N HIS A 269 3.02 7.63 -13.26
CA HIS A 269 4.06 8.19 -14.10
C HIS A 269 5.36 7.45 -13.81
N TYR A 270 6.12 7.12 -14.85
CA TYR A 270 7.38 6.42 -14.68
C TYR A 270 8.39 7.20 -13.83
N ASP A 271 8.63 8.44 -14.21
CA ASP A 271 9.57 9.30 -13.50
C ASP A 271 9.01 9.60 -12.11
N PRO A 272 9.69 9.15 -11.03
CA PRO A 272 9.21 9.39 -9.67
C PRO A 272 9.00 10.88 -9.37
N ASN A 273 9.78 11.74 -10.01
CA ASN A 273 9.69 13.17 -9.80
C ASN A 273 8.48 13.80 -10.47
N LYS A 274 7.94 13.11 -11.47
CA LYS A 274 6.77 13.60 -12.18
C LYS A 274 5.49 12.99 -11.60
N ARG A 275 5.65 11.88 -10.88
CA ARG A 275 4.52 11.20 -10.27
C ARG A 275 3.85 12.17 -9.30
N ILE A 276 2.52 12.19 -9.30
CA ILE A 276 1.80 13.11 -8.44
C ILE A 276 2.04 12.80 -6.95
N SER A 277 2.01 13.83 -6.12
CA SER A 277 2.21 13.63 -4.68
C SER A 277 0.85 13.36 -4.06
N ALA A 278 0.83 12.87 -2.83
CA ALA A 278 -0.44 12.57 -2.16
C ALA A 278 -1.23 13.86 -1.96
N LYS A 279 -0.54 14.92 -1.56
CA LYS A 279 -1.18 16.21 -1.33
C LYS A 279 -1.81 16.78 -2.60
N ALA A 280 -1.10 16.70 -3.72
CA ALA A 280 -1.62 17.22 -4.98
C ALA A 280 -2.78 16.36 -5.47
N ALA A 281 -2.68 15.06 -5.22
CA ALA A 281 -3.72 14.14 -5.65
C ALA A 281 -5.02 14.46 -4.92
N LEU A 282 -4.93 14.91 -3.67
CA LEU A 282 -6.12 15.23 -2.89
C LEU A 282 -6.90 16.41 -3.49
N ALA A 283 -6.21 17.25 -4.27
CA ALA A 283 -6.85 18.40 -4.89
C ALA A 283 -7.34 18.08 -6.31
N HIS A 284 -7.13 16.85 -6.76
CA HIS A 284 -7.54 16.44 -8.10
C HIS A 284 -9.07 16.50 -8.26
N PRO A 285 -9.56 16.90 -9.44
CA PRO A 285 -11.00 16.99 -9.72
C PRO A 285 -11.80 15.74 -9.38
N PHE A 286 -11.17 14.58 -9.49
CA PHE A 286 -11.82 13.31 -9.20
C PHE A 286 -12.47 13.31 -7.81
N PHE A 287 -11.92 14.06 -6.87
CA PHE A 287 -12.46 14.07 -5.52
C PHE A 287 -13.43 15.20 -5.24
N GLN A 288 -13.83 15.91 -6.28
CA GLN A 288 -14.75 17.03 -6.08
C GLN A 288 -16.02 16.55 -5.38
N ASP A 289 -16.52 15.40 -5.78
CA ASP A 289 -17.75 14.86 -5.22
C ASP A 289 -17.55 13.68 -4.28
N VAL A 290 -16.39 13.61 -3.62
CA VAL A 290 -16.14 12.50 -2.72
C VAL A 290 -17.09 12.52 -1.53
N THR A 291 -17.48 11.33 -1.09
CA THR A 291 -18.37 11.16 0.05
C THR A 291 -17.81 10.02 0.87
N LYS A 292 -18.48 9.66 1.95
CA LYS A 292 -18.00 8.57 2.80
C LYS A 292 -19.10 7.53 2.99
N PRO A 293 -19.26 6.63 2.01
CA PRO A 293 -20.29 5.59 2.11
C PRO A 293 -19.87 4.57 3.16
N VAL A 294 -20.79 3.72 3.58
CA VAL A 294 -20.45 2.69 4.54
C VAL A 294 -20.43 1.38 3.75
N PRO A 295 -19.40 0.55 3.96
CA PRO A 295 -19.36 -0.72 3.22
C PRO A 295 -20.31 -1.73 3.82
N HIS A 296 -20.59 -2.78 3.07
CA HIS A 296 -21.43 -3.86 3.55
C HIS A 296 -20.41 -4.92 3.96
N LEU A 297 -20.14 -5.02 5.26
CA LEU A 297 -19.16 -5.98 5.74
C LEU A 297 -19.77 -7.19 6.43
N ARG A 298 -19.28 -8.36 6.03
CA ARG A 298 -19.71 -9.62 6.61
C ARG A 298 -18.57 -10.05 7.52
N LEU A 299 -18.76 -9.84 8.83
CA LEU A 299 -17.74 -10.18 9.81
C LEU A 299 -17.99 -11.54 10.44
C22 BYP B . -7.28 -12.11 7.02
N1 BYP B . -6.14 -5.30 12.37
C2 BYP B . -5.01 -4.62 12.69
C6 BYP B . -6.02 -6.27 11.45
C4 BYP B . -3.75 -5.96 11.12
C3 BYP B . -3.75 -4.92 12.08
N5 BYP B . -4.89 -6.61 10.82
C11 BYP B . -1.25 -9.06 7.36
C10 BYP B . -0.66 -7.78 7.49
C9 BYP B . -1.09 -6.89 8.51
C8 BYP B . -2.12 -7.27 9.42
C12 BYP B . -2.29 -9.46 8.26
C17 BYP B . -9.02 -9.92 9.46
C16 BYP B . -8.75 -8.84 10.35
C13 BYP B . -2.71 -8.57 9.28
C15 BYP B . -7.55 -8.10 10.21
C18 BYP B . -8.10 -10.26 8.43
C19 BYP B . -6.89 -9.51 8.28
C20 BYP B . -6.61 -8.44 9.15
O21 BYP B . -8.41 -11.34 7.55
N7 BYP B . -2.51 -6.31 10.44
N14 BYP B . -7.24 -7.00 11.12
BR BYP B . -2.16 -3.96 12.53
C23 BYP B . -7.75 -12.92 5.78
C24 BYP B . -9.21 -13.47 6.01
N25 BYP B . -9.65 -14.65 5.18
C26 BYP B . -9.92 -14.35 3.74
C27 BYP B . -8.89 -15.92 5.39
O28 BYP B . -7.74 -12.07 4.64
C22 BWP C . -7.28 -12.11 7.02
N1 BWP C . -6.14 -5.30 12.37
C2 BWP C . -5.01 -4.62 12.69
C6 BWP C . -6.02 -6.27 11.45
C4 BWP C . -3.75 -5.96 11.12
C3 BWP C . -3.75 -4.92 12.08
N5 BWP C . -4.89 -6.61 10.82
C11 BWP C . -1.25 -9.06 7.36
C10 BWP C . -0.66 -7.78 7.49
C9 BWP C . -1.09 -6.89 8.51
C8 BWP C . -2.12 -7.27 9.42
C12 BWP C . -2.29 -9.46 8.26
C17 BWP C . -9.02 -9.92 9.46
C16 BWP C . -8.75 -8.84 10.35
C13 BWP C . -2.71 -8.57 9.28
C15 BWP C . -7.55 -8.10 10.21
C18 BWP C . -8.10 -10.26 8.43
C19 BWP C . -6.89 -9.51 8.28
C20 BWP C . -6.61 -8.44 9.15
O21 BWP C . -8.41 -11.34 7.55
N7 BWP C . -2.51 -6.31 10.44
N14 BWP C . -7.24 -7.00 11.12
BR BWP C . -2.16 -3.96 12.53
C23 BWP C . -7.72 -12.95 5.79
C24 BWP C . -8.24 -12.02 4.63
N25 BWP C . -7.40 -11.90 3.36
C26 BWP C . -5.93 -11.87 3.51
C27 BWP C . -7.88 -12.70 2.20
O28 BWP C . -8.76 -13.83 6.20
C1 GOL D . -9.82 -9.85 -6.32
O1 GOL D . -10.36 -9.48 -5.07
C2 GOL D . -8.53 -9.06 -6.60
O2 GOL D . -8.83 -7.67 -6.60
C3 GOL D . -7.86 -9.41 -7.95
O3 GOL D . -7.57 -10.81 -8.02
#